data_2ZM0
#
_entry.id   2ZM0
#
_cell.length_a   96.663
_cell.length_b   96.663
_cell.length_c   112.936
_cell.angle_alpha   90.00
_cell.angle_beta   90.00
_cell.angle_gamma   120.00
#
_symmetry.space_group_name_H-M   'P 32 2 1'
#
loop_
_entity.id
_entity.type
_entity.pdbx_description
1 polymer '6-aminohexanoate-dimer hydrolase'
2 non-polymer 'SULFATE ION'
3 non-polymer '2-(N-MORPHOLINO)-ETHANESULFONIC ACID'
4 non-polymer GLYCEROL
5 water water
#
_entity_poly.entity_id   1
_entity_poly.type   'polypeptide(L)'
_entity_poly.pdbx_seq_one_letter_code
;MNARSTGQHPARYPGAAAGEPTLDSWQEPPHNRWAFAHLGEMVPSAAVSRRPVNAPGHALARLGAIAAQLPDLEQRLEQT
YTDAFLVLRGTEVVAEYYRAGFAPDDRHLLMSVSKSLCGTVVGALVDEGRIDPAQPVTEYVPELAGSVYDGPSVLQVLDM
QISIDYNEDYVDPASEVQTHDRSAGWRTRRHGDPADTYEFLTTLRGDGSTGEFQYCSANTDVLAWIVERVTGLRYVEALS
TYLWAKLDADRDATITVDTTGFGFANGGVSCTARDLARVGRMMLDGGVAPGGRVVSEDWVRRVLAGGSHEAMTDKGFTNT
FPDGSYTRQWWCTGNERGNVSGIGIHGQNLWLDPLTDSVIVKLSSWPDPYTEHWHRLQNGILLDVSRALDAV
;
_entity_poly.pdbx_strand_id   A
#
loop_
_chem_comp.id
_chem_comp.type
_chem_comp.name
_chem_comp.formula
GOL non-polymer GLYCEROL 'C3 H8 O3'
MES non-polymer '2-(N-MORPHOLINO)-ETHANESULFONIC ACID' 'C6 H13 N O4 S'
SO4 non-polymer 'SULFATE ION' 'O4 S -2'
#
# COMPACT_ATOMS: atom_id res chain seq x y z
N SER A 5 22.04 1.03 -16.50
CA SER A 5 20.69 1.03 -17.14
C SER A 5 19.74 0.14 -16.34
N THR A 6 18.46 0.47 -16.39
CA THR A 6 17.46 -0.27 -15.63
C THR A 6 16.58 -1.13 -16.54
N GLY A 7 16.93 -1.22 -17.81
CA GLY A 7 16.23 -2.11 -18.72
C GLY A 7 14.88 -1.60 -19.20
N GLN A 8 14.12 -2.49 -19.82
CA GLN A 8 12.84 -2.14 -20.43
C GLN A 8 11.74 -1.85 -19.41
N HIS A 9 10.99 -0.78 -19.64
CA HIS A 9 9.85 -0.44 -18.80
C HIS A 9 8.63 -0.24 -19.69
N PRO A 10 7.42 -0.42 -19.14
CA PRO A 10 6.21 -0.24 -19.94
C PRO A 10 6.06 1.18 -20.46
N ALA A 11 5.79 1.30 -21.76
CA ALA A 11 5.64 2.61 -22.37
C ALA A 11 4.45 3.35 -21.76
N ARG A 12 4.55 4.68 -21.68
CA ARG A 12 3.48 5.49 -21.13
C ARG A 12 2.22 5.38 -21.99
N TYR A 13 2.42 5.21 -23.30
CA TYR A 13 1.34 4.97 -24.24
C TYR A 13 1.85 4.12 -25.40
N PRO A 14 0.95 3.53 -26.20
CA PRO A 14 1.39 2.69 -27.33
C PRO A 14 2.38 3.38 -28.26
N GLY A 15 3.60 2.85 -28.31
CA GLY A 15 4.61 3.36 -29.21
C GLY A 15 5.53 4.40 -28.61
N ALA A 16 5.31 4.75 -27.34
CA ALA A 16 6.10 5.79 -26.71
C ALA A 16 7.56 5.39 -26.54
N ALA A 17 8.47 6.33 -26.77
CA ALA A 17 9.88 6.11 -26.49
C ALA A 17 10.07 5.96 -24.98
N ALA A 18 11.20 5.37 -24.59
CA ALA A 18 11.49 5.22 -23.16
C ALA A 18 11.51 6.59 -22.48
N GLY A 19 10.81 6.69 -21.36
CA GLY A 19 10.85 7.90 -20.55
C GLY A 19 10.00 9.04 -21.07
N GLU A 20 9.25 8.81 -22.15
CA GLU A 20 8.46 9.87 -22.76
C GLU A 20 6.97 9.71 -22.46
N PRO A 21 6.25 10.83 -22.27
CA PRO A 21 6.77 12.20 -22.31
C PRO A 21 7.35 12.64 -20.97
N THR A 22 8.05 13.77 -20.97
CA THR A 22 8.49 14.41 -19.74
C THR A 22 7.72 15.71 -19.59
N LEU A 23 7.96 16.42 -18.49
CA LEU A 23 7.28 17.69 -18.25
C LEU A 23 7.57 18.67 -19.39
N ASP A 24 8.68 18.48 -20.07
CA ASP A 24 9.09 19.43 -21.12
C ASP A 24 8.70 19.00 -22.53
N SER A 25 8.14 17.80 -22.68
CA SER A 25 7.81 17.29 -24.00
C SER A 25 6.34 16.91 -24.22
N TRP A 26 5.51 16.97 -23.18
CA TRP A 26 4.17 16.43 -23.28
C TRP A 26 3.27 17.19 -24.25
N GLN A 27 3.62 18.43 -24.56
CA GLN A 27 2.82 19.21 -25.52
C GLN A 27 3.19 18.90 -26.96
N GLU A 28 4.30 18.19 -27.15
CA GLU A 28 4.76 17.87 -28.50
C GLU A 28 4.20 16.55 -29.01
N PRO A 29 4.08 16.40 -30.34
CA PRO A 29 3.57 15.16 -30.92
C PRO A 29 4.75 14.18 -30.88
N PRO A 30 4.47 12.86 -30.78
CA PRO A 30 3.15 12.24 -30.69
C PRO A 30 2.61 12.16 -29.25
N HIS A 31 3.36 12.71 -28.29
CA HIS A 31 3.01 12.58 -26.88
C HIS A 31 1.67 13.23 -26.56
N ASN A 32 1.38 14.35 -27.22
CA ASN A 32 0.28 15.18 -26.78
C ASN A 32 -1.09 14.52 -26.91
N ARG A 33 -1.22 13.55 -27.80
CA ARG A 33 -2.48 12.84 -27.94
C ARG A 33 -2.82 12.08 -26.65
N TRP A 34 -1.81 11.47 -26.04
CA TRP A 34 -2.00 10.81 -24.76
C TRP A 34 -2.10 11.85 -23.64
N ALA A 35 -1.17 12.81 -23.65
CA ALA A 35 -1.02 13.72 -22.53
C ALA A 35 -2.25 14.60 -22.35
N PHE A 36 -2.90 14.98 -23.44
CA PHE A 36 -4.08 15.83 -23.34
C PHE A 36 -5.24 15.12 -22.65
N ALA A 37 -5.18 13.79 -22.61
CA ALA A 37 -6.25 13.02 -21.97
C ALA A 37 -5.84 12.53 -20.58
N HIS A 38 -4.61 12.88 -20.17
CA HIS A 38 -4.05 12.39 -18.91
C HIS A 38 -3.14 13.41 -18.23
N LEU A 39 -3.49 14.68 -18.26
CA LEU A 39 -2.53 15.71 -17.90
C LEU A 39 -2.14 15.66 -16.41
N GLY A 40 -3.02 15.15 -15.57
CA GLY A 40 -2.73 15.04 -14.15
C GLY A 40 -1.52 14.17 -13.87
N GLU A 41 -1.17 13.31 -14.82
CA GLU A 41 0.01 12.44 -14.70
C GLU A 41 1.30 13.22 -14.91
N MET A 42 1.19 14.42 -15.45
CA MET A 42 2.35 15.23 -15.77
C MET A 42 2.46 16.47 -14.91
N VAL A 43 1.30 17.07 -14.60
CA VAL A 43 1.27 18.35 -13.90
C VAL A 43 0.29 18.32 -12.72
N PRO A 44 0.72 18.81 -11.55
CA PRO A 44 -0.19 18.81 -10.39
C PRO A 44 -1.51 19.49 -10.75
N SER A 45 -2.62 18.91 -10.30
CA SER A 45 -3.93 19.31 -10.76
C SER A 45 -4.97 19.20 -9.64
N ALA A 46 -5.96 20.09 -9.69
CA ALA A 46 -7.01 20.15 -8.70
C ALA A 46 -8.36 19.79 -9.32
N ALA A 47 -9.23 19.19 -8.50
CA ALA A 47 -10.59 18.90 -8.92
C ALA A 47 -11.44 20.17 -8.88
N VAL A 48 -12.27 20.34 -9.91
CA VAL A 48 -13.25 21.41 -9.96
C VAL A 48 -14.62 20.76 -9.77
N SER A 49 -15.21 20.98 -8.59
CA SER A 49 -16.31 20.14 -8.14
C SER A 49 -17.60 20.36 -8.91
N ARG A 50 -18.26 19.26 -9.28
CA ARG A 50 -19.56 19.32 -9.92
C ARG A 50 -20.68 19.51 -8.89
N ARG A 51 -20.33 19.37 -7.61
CA ARG A 51 -21.31 19.52 -6.53
C ARG A 51 -21.13 20.86 -5.83
N PRO A 52 -22.24 21.55 -5.53
CA PRO A 52 -22.12 22.85 -4.86
C PRO A 52 -21.42 22.69 -3.51
N GLY A 57 -18.57 20.63 5.80
CA GLY A 57 -18.14 21.60 6.85
C GLY A 57 -18.42 21.08 8.25
N HIS A 58 -19.09 19.95 8.34
CA HIS A 58 -19.42 19.35 9.62
C HIS A 58 -19.13 17.85 9.59
N ALA A 59 -18.65 17.31 10.70
CA ALA A 59 -18.30 15.89 10.77
C ALA A 59 -19.54 15.02 10.63
N LEU A 60 -19.40 13.91 9.92
CA LEU A 60 -20.48 12.95 9.80
C LEU A 60 -20.19 11.73 10.67
N ALA A 61 -21.05 11.51 11.67
CA ALA A 61 -20.88 10.38 12.58
C ALA A 61 -22.09 9.46 12.52
N ARG A 62 -21.89 8.27 11.95
CA ARG A 62 -22.93 7.25 11.93
C ARG A 62 -22.36 5.96 12.49
N LEU A 63 -22.13 5.95 13.79
CA LEU A 63 -21.41 4.85 14.42
C LEU A 63 -22.33 3.67 14.74
N GLY A 64 -23.60 3.83 14.44
CA GLY A 64 -24.52 2.71 14.46
C GLY A 64 -24.62 2.00 15.79
N ALA A 65 -24.58 0.68 15.77
CA ALA A 65 -24.82 -0.13 16.96
C ALA A 65 -23.65 -0.09 17.93
N ILE A 66 -22.43 -0.02 17.40
CA ILE A 66 -21.24 -0.09 18.25
C ILE A 66 -21.12 1.14 19.14
N ALA A 67 -21.90 2.16 18.84
CA ALA A 67 -21.87 3.40 19.61
C ALA A 67 -22.21 3.14 21.07
N ALA A 68 -23.11 2.19 21.29
CA ALA A 68 -23.57 1.87 22.64
C ALA A 68 -22.46 1.20 23.46
N GLN A 69 -21.62 0.43 22.78
CA GLN A 69 -20.53 -0.28 23.45
C GLN A 69 -19.28 0.59 23.56
N LEU A 70 -19.17 1.57 22.68
CA LEU A 70 -18.04 2.50 22.71
C LEU A 70 -18.59 3.93 22.72
N PRO A 71 -19.04 4.40 23.90
CA PRO A 71 -19.60 5.75 24.08
C PRO A 71 -18.69 6.92 23.71
N ASP A 72 -17.38 6.73 23.79
CA ASP A 72 -16.44 7.82 23.55
C ASP A 72 -15.75 7.72 22.19
N LEU A 73 -16.30 6.90 21.29
CA LEU A 73 -15.63 6.56 20.05
C LEU A 73 -15.32 7.77 19.17
N GLU A 74 -16.30 8.66 18.97
CA GLU A 74 -16.06 9.82 18.12
C GLU A 74 -14.91 10.68 18.66
N GLN A 75 -14.89 10.88 19.98
CA GLN A 75 -13.80 11.63 20.59
C GLN A 75 -12.46 10.93 20.40
N ARG A 76 -12.46 9.61 20.51
CA ARG A 76 -11.24 8.85 20.32
C ARG A 76 -10.77 8.91 18.87
N LEU A 77 -11.72 8.96 17.94
CA LEU A 77 -11.38 9.14 16.54
C LEU A 77 -10.81 10.53 16.27
N GLU A 78 -11.43 11.55 16.87
CA GLU A 78 -10.91 12.90 16.75
C GLU A 78 -9.49 12.98 17.30
N GLN A 79 -9.27 12.36 18.45
CA GLN A 79 -7.97 12.42 19.11
C GLN A 79 -6.87 11.77 18.29
N THR A 80 -7.24 10.81 17.44
CA THR A 80 -6.26 10.16 16.57
C THR A 80 -6.34 10.67 15.13
N TYR A 81 -6.83 11.91 14.98
CA TYR A 81 -6.79 12.61 13.70
C TYR A 81 -7.44 11.82 12.58
N THR A 82 -8.60 11.26 12.88
CA THR A 82 -9.33 10.42 11.94
C THR A 82 -9.98 11.27 10.85
N ASP A 83 -9.70 10.91 9.60
CA ASP A 83 -10.31 11.58 8.47
C ASP A 83 -11.50 10.76 7.96
N ALA A 84 -11.30 9.45 7.85
CA ALA A 84 -12.35 8.54 7.43
C ALA A 84 -12.25 7.24 8.21
N PHE A 85 -13.41 6.71 8.61
CA PHE A 85 -13.48 5.49 9.40
C PHE A 85 -14.71 4.72 8.94
N LEU A 86 -14.55 3.43 8.67
CA LEU A 86 -15.66 2.62 8.20
C LEU A 86 -15.54 1.18 8.64
N VAL A 87 -16.64 0.63 9.13
CA VAL A 87 -16.69 -0.76 9.56
C VAL A 87 -17.62 -1.55 8.65
N LEU A 88 -17.08 -2.55 7.99
CA LEU A 88 -17.86 -3.43 7.13
C LEU A 88 -17.98 -4.79 7.81
N ARG A 89 -19.20 -5.14 8.20
CA ARG A 89 -19.48 -6.44 8.79
C ARG A 89 -20.17 -7.31 7.76
N GLY A 90 -19.48 -8.36 7.31
CA GLY A 90 -19.97 -9.10 6.17
C GLY A 90 -19.98 -8.20 4.95
N THR A 91 -21.15 -7.99 4.37
CA THR A 91 -21.29 -7.12 3.21
C THR A 91 -21.93 -5.78 3.57
N GLU A 92 -22.17 -5.56 4.86
CA GLU A 92 -22.92 -4.40 5.32
C GLU A 92 -22.03 -3.37 6.01
N VAL A 93 -22.18 -2.10 5.63
CA VAL A 93 -21.54 -1.01 6.34
C VAL A 93 -22.32 -0.74 7.63
N VAL A 94 -21.69 -1.02 8.78
CA VAL A 94 -22.39 -0.92 10.05
C VAL A 94 -21.98 0.28 10.88
N ALA A 95 -20.92 0.97 10.47
CA ALA A 95 -20.49 2.20 11.14
C ALA A 95 -19.59 3.02 10.22
N GLU A 96 -19.79 4.34 10.25
CA GLU A 96 -19.00 5.27 9.44
C GLU A 96 -18.74 6.55 10.20
N TYR A 97 -17.59 7.15 9.95
CA TYR A 97 -17.28 8.50 10.44
C TYR A 97 -16.38 9.23 9.46
N TYR A 98 -16.71 10.47 9.17
CA TYR A 98 -15.88 11.34 8.33
C TYR A 98 -15.76 12.71 8.99
N ARG A 99 -14.54 13.22 9.06
CA ARG A 99 -14.31 14.51 9.70
C ARG A 99 -14.96 15.63 8.90
N ALA A 100 -15.18 16.77 9.54
CA ALA A 100 -15.67 17.93 8.82
C ALA A 100 -14.71 18.22 7.68
N GLY A 101 -15.27 18.43 6.49
CA GLY A 101 -14.44 18.81 5.35
C GLY A 101 -13.94 17.62 4.54
N PHE A 102 -14.27 16.42 4.98
CA PHE A 102 -13.96 15.21 4.22
C PHE A 102 -15.25 14.47 3.91
N ALA A 103 -15.58 14.39 2.63
CA ALA A 103 -16.82 13.75 2.20
C ALA A 103 -16.67 12.23 2.17
N PRO A 104 -17.78 11.50 2.34
CA PRO A 104 -17.76 10.03 2.33
C PRO A 104 -17.10 9.45 1.08
N ASP A 105 -17.24 10.13 -0.04
CA ASP A 105 -16.67 9.65 -1.29
C ASP A 105 -15.39 10.37 -1.71
N ASP A 106 -14.81 11.13 -0.78
CA ASP A 106 -13.48 11.69 -1.01
C ASP A 106 -12.43 10.58 -0.93
N ARG A 107 -11.33 10.74 -1.66
CA ARG A 107 -10.25 9.78 -1.60
C ARG A 107 -9.18 10.25 -0.62
N HIS A 108 -8.46 9.29 -0.04
CA HIS A 108 -7.47 9.57 0.99
C HIS A 108 -6.21 8.76 0.69
N LEU A 109 -5.06 9.39 0.86
CA LEU A 109 -3.77 8.72 0.69
C LEU A 109 -3.66 7.52 1.64
N LEU A 110 -3.17 6.41 1.11
CA LEU A 110 -3.08 5.18 1.88
C LEU A 110 -1.72 4.99 2.55
N MET A 111 -0.73 5.77 2.13
CA MET A 111 0.64 5.52 2.57
C MET A 111 0.93 4.02 2.42
N SER A 112 1.56 3.39 3.41
CA SER A 112 2.00 2.02 3.21
C SER A 112 0.91 0.95 3.21
N VAL A 113 -0.35 1.33 3.44
CA VAL A 113 -1.42 0.39 3.14
C VAL A 113 -1.35 0.04 1.65
N SER A 114 -0.79 0.97 0.85
CA SER A 114 -0.54 0.70 -0.57
C SER A 114 0.25 -0.58 -0.79
N LYS A 115 1.15 -0.90 0.13
CA LYS A 115 1.99 -2.10 0.00
C LYS A 115 1.14 -3.37 -0.04
N SER A 116 0.09 -3.40 0.77
CA SER A 116 -0.74 -4.59 0.82
C SER A 116 -1.49 -4.80 -0.49
N LEU A 117 -1.81 -3.69 -1.16
CA LEU A 117 -2.41 -3.77 -2.49
C LEU A 117 -1.40 -4.29 -3.52
N CYS A 118 -0.17 -3.82 -3.43
CA CYS A 118 0.88 -4.31 -4.34
C CYS A 118 1.10 -5.80 -4.14
N GLY A 119 1.20 -6.23 -2.89
CA GLY A 119 1.39 -7.65 -2.62
C GLY A 119 0.27 -8.48 -3.20
N THR A 120 -0.94 -7.93 -3.22
CA THR A 120 -2.09 -8.61 -3.77
C THR A 120 -1.96 -8.80 -5.28
N VAL A 121 -1.46 -7.78 -5.97
CA VAL A 121 -1.18 -7.91 -7.40
C VAL A 121 -0.14 -8.99 -7.66
N VAL A 122 0.90 -9.03 -6.84
CA VAL A 122 1.89 -10.10 -6.94
C VAL A 122 1.23 -11.45 -6.72
N GLY A 123 0.38 -11.53 -5.70
CA GLY A 123 -0.33 -12.77 -5.43
C GLY A 123 -1.18 -13.24 -6.61
N ALA A 124 -1.79 -12.29 -7.31
CA ALA A 124 -2.60 -12.62 -8.47
C ALA A 124 -1.75 -13.29 -9.54
N LEU A 125 -0.55 -12.78 -9.74
CA LEU A 125 0.36 -13.33 -10.73
C LEU A 125 0.98 -14.66 -10.30
N VAL A 126 1.12 -14.86 -8.99
CA VAL A 126 1.51 -16.17 -8.47
C VAL A 126 0.39 -17.18 -8.74
N ASP A 127 -0.85 -16.76 -8.57
CA ASP A 127 -2.01 -17.61 -8.81
C ASP A 127 -2.06 -18.05 -10.27
N GLU A 128 -1.64 -17.16 -11.17
CA GLU A 128 -1.63 -17.46 -12.59
C GLU A 128 -0.37 -18.24 -12.99
N GLY A 129 0.57 -18.36 -12.07
CA GLY A 129 1.78 -19.10 -12.34
C GLY A 129 2.83 -18.30 -13.08
N ARG A 130 2.67 -16.97 -13.07
CA ARG A 130 3.58 -16.10 -13.80
C ARG A 130 4.72 -15.57 -12.92
N ILE A 131 4.54 -15.65 -11.60
CA ILE A 131 5.61 -15.39 -10.65
C ILE A 131 5.79 -16.58 -9.71
N ASP A 132 7.04 -17.00 -9.56
CA ASP A 132 7.40 -18.05 -8.60
C ASP A 132 8.15 -17.38 -7.46
N PRO A 133 7.52 -17.24 -6.29
CA PRO A 133 8.18 -16.59 -5.15
C PRO A 133 9.54 -17.17 -4.75
N ALA A 134 9.79 -18.43 -5.12
CA ALA A 134 11.05 -19.08 -4.76
C ALA A 134 12.20 -18.62 -5.65
N GLN A 135 11.87 -18.02 -6.79
CA GLN A 135 12.87 -17.55 -7.74
C GLN A 135 13.55 -16.27 -7.26
N PRO A 136 14.81 -16.06 -7.67
CA PRO A 136 15.51 -14.85 -7.25
C PRO A 136 14.91 -13.65 -7.98
N VAL A 137 14.95 -12.49 -7.33
CA VAL A 137 14.47 -11.26 -7.96
C VAL A 137 15.05 -11.11 -9.37
N THR A 138 16.31 -11.49 -9.53
CA THR A 138 17.01 -11.29 -10.79
C THR A 138 16.51 -12.16 -11.94
N GLU A 139 15.71 -13.18 -11.63
CA GLU A 139 15.04 -13.96 -12.67
C GLU A 139 14.10 -13.06 -13.47
N TYR A 140 13.54 -12.05 -12.79
CA TYR A 140 12.55 -11.17 -13.40
C TYR A 140 13.12 -9.79 -13.70
N VAL A 141 14.02 -9.32 -12.84
CA VAL A 141 14.69 -8.04 -13.05
C VAL A 141 16.21 -8.25 -13.00
N PRO A 142 16.79 -8.72 -14.11
CA PRO A 142 18.23 -8.96 -14.20
C PRO A 142 19.06 -7.73 -13.87
N GLU A 143 18.51 -6.55 -14.13
CA GLU A 143 19.23 -5.30 -13.94
C GLU A 143 19.46 -4.96 -12.47
N LEU A 144 18.88 -5.75 -11.57
CA LEU A 144 19.14 -5.56 -10.15
C LEU A 144 20.35 -6.37 -9.69
N ALA A 145 21.00 -7.04 -10.64
CA ALA A 145 22.30 -7.65 -10.37
C ALA A 145 23.25 -6.60 -9.81
N GLY A 146 24.07 -6.99 -8.85
CA GLY A 146 25.01 -6.07 -8.26
C GLY A 146 24.44 -5.20 -7.15
N SER A 147 23.13 -5.32 -6.92
CA SER A 147 22.49 -4.59 -5.84
C SER A 147 22.15 -5.54 -4.70
N VAL A 148 21.58 -4.99 -3.63
CA VAL A 148 21.18 -5.79 -2.48
C VAL A 148 20.09 -6.79 -2.86
N TYR A 149 19.45 -6.57 -3.99
CA TYR A 149 18.41 -7.47 -4.48
C TYR A 149 18.96 -8.56 -5.41
N ASP A 150 20.29 -8.63 -5.46
CA ASP A 150 20.97 -9.70 -6.19
C ASP A 150 21.24 -10.85 -5.21
N GLY A 151 20.43 -11.91 -5.32
CA GLY A 151 20.53 -13.02 -4.39
C GLY A 151 19.21 -13.40 -3.75
N PRO A 152 18.56 -12.45 -3.04
CA PRO A 152 17.27 -12.74 -2.40
C PRO A 152 16.17 -13.21 -3.35
N SER A 153 15.24 -14.00 -2.80
CA SER A 153 14.09 -14.47 -3.57
C SER A 153 12.98 -13.44 -3.57
N VAL A 154 12.04 -13.61 -4.49
CA VAL A 154 10.85 -12.76 -4.51
C VAL A 154 10.08 -12.87 -3.20
N LEU A 155 10.02 -14.06 -2.61
CA LEU A 155 9.34 -14.22 -1.34
C LEU A 155 10.01 -13.41 -0.22
N GLN A 156 11.34 -13.36 -0.23
CA GLN A 156 12.04 -12.57 0.77
C GLN A 156 11.77 -11.07 0.62
N VAL A 157 11.51 -10.63 -0.61
CA VAL A 157 11.07 -9.25 -0.81
C VAL A 157 9.64 -9.10 -0.28
N LEU A 158 8.77 -10.04 -0.62
CA LEU A 158 7.39 -10.04 -0.14
C LEU A 158 7.30 -9.98 1.39
N ASP A 159 8.17 -10.73 2.05
CA ASP A 159 8.18 -10.81 3.52
C ASP A 159 9.12 -9.79 4.14
N MET A 160 9.80 -9.02 3.30
CA MET A 160 10.75 -8.01 3.76
C MET A 160 11.80 -8.57 4.72
N GLN A 161 12.42 -9.67 4.29
CA GLN A 161 13.47 -10.31 5.09
C GLN A 161 14.82 -10.19 4.40
N ILE A 162 15.16 -8.95 4.01
CA ILE A 162 16.44 -8.66 3.38
C ILE A 162 17.12 -7.53 4.16
N SER A 163 18.38 -7.73 4.53
CA SER A 163 19.12 -6.69 5.22
C SER A 163 19.59 -5.64 4.22
N ILE A 164 19.20 -4.39 4.44
CA ILE A 164 19.50 -3.32 3.50
C ILE A 164 20.04 -2.12 4.26
N ASP A 165 21.11 -1.53 3.74
CA ASP A 165 21.61 -0.27 4.27
C ASP A 165 20.65 0.83 3.81
N TYR A 166 19.70 1.18 4.68
CA TYR A 166 18.62 2.09 4.30
C TYR A 166 18.31 3.02 5.46
N ASN A 167 18.98 4.18 5.46
CA ASN A 167 18.85 5.15 6.54
C ASN A 167 17.43 5.71 6.57
N GLU A 168 16.77 5.56 7.72
CA GLU A 168 15.40 6.02 7.87
C GLU A 168 15.34 7.39 8.55
N ASP A 169 16.50 8.01 8.74
CA ASP A 169 16.57 9.36 9.30
C ASP A 169 16.17 10.36 8.22
N TYR A 170 14.88 10.66 8.16
CA TYR A 170 14.31 11.37 7.02
C TYR A 170 14.90 12.77 6.82
N VAL A 171 15.11 13.48 7.92
CA VAL A 171 15.55 14.86 7.86
C VAL A 171 16.90 15.01 7.14
N ASP A 172 17.68 13.94 7.15
CA ASP A 172 18.96 13.92 6.45
C ASP A 172 18.73 13.65 4.97
N PRO A 173 19.05 14.64 4.10
CA PRO A 173 18.87 14.48 2.65
C PRO A 173 19.68 13.32 2.08
N ALA A 174 20.72 12.92 2.79
CA ALA A 174 21.57 11.81 2.36
C ALA A 174 20.88 10.48 2.61
N SER A 175 19.90 10.48 3.49
CA SER A 175 19.20 9.27 3.88
C SER A 175 18.51 8.61 2.68
N GLU A 176 18.50 7.28 2.67
CA GLU A 176 17.84 6.56 1.60
C GLU A 176 16.34 6.86 1.58
N VAL A 177 15.77 7.11 2.76
CA VAL A 177 14.33 7.32 2.84
C VAL A 177 13.90 8.61 2.14
N GLN A 178 14.67 9.68 2.31
CA GLN A 178 14.33 10.94 1.63
C GLN A 178 14.71 10.86 0.16
N THR A 179 15.82 10.19 -0.14
CA THR A 179 16.26 10.04 -1.52
C THR A 179 15.21 9.26 -2.31
N HIS A 180 14.57 8.28 -1.65
CA HIS A 180 13.50 7.52 -2.27
C HIS A 180 12.36 8.45 -2.67
N ASP A 181 11.97 9.33 -1.75
CA ASP A 181 10.92 10.31 -2.03
C ASP A 181 11.29 11.23 -3.18
N ARG A 182 12.54 11.69 -3.21
CA ARG A 182 12.96 12.62 -4.26
C ARG A 182 13.00 11.95 -5.63
N SER A 183 13.48 10.71 -5.67
CA SER A 183 13.58 9.97 -6.93
C SER A 183 12.19 9.71 -7.51
N ALA A 184 11.17 9.74 -6.65
CA ALA A 184 9.81 9.40 -7.05
C ALA A 184 8.94 10.63 -7.29
N GLY A 185 9.45 11.80 -6.91
CA GLY A 185 8.69 13.03 -7.11
C GLY A 185 7.85 13.47 -5.93
N TRP A 186 8.02 12.81 -4.79
CA TRP A 186 7.32 13.22 -3.57
C TRP A 186 7.99 14.43 -2.89
N ARG A 187 9.23 14.69 -3.28
CA ARG A 187 9.98 15.84 -2.78
C ARG A 187 10.78 16.43 -3.93
N THR A 188 11.24 17.67 -3.76
CA THR A 188 12.05 18.33 -4.78
C THR A 188 13.37 17.60 -4.98
N ARG A 189 13.75 17.40 -6.24
CA ARG A 189 14.99 16.72 -6.58
C ARG A 189 16.21 17.54 -6.14
N ARG A 190 17.27 16.83 -5.78
CA ARG A 190 18.57 17.45 -5.54
C ARG A 190 19.54 17.02 -6.63
N HIS A 191 20.58 17.81 -6.85
CA HIS A 191 21.56 17.49 -7.88
C HIS A 191 22.18 16.12 -7.60
N GLY A 192 22.27 15.29 -8.64
CA GLY A 192 22.91 14.00 -8.50
C GLY A 192 21.95 12.87 -8.17
N ASP A 193 20.71 13.22 -7.83
CA ASP A 193 19.70 12.22 -7.49
C ASP A 193 19.41 11.25 -8.62
N PRO A 194 19.00 10.02 -8.28
CA PRO A 194 18.70 9.05 -9.33
C PRO A 194 17.57 9.62 -10.19
N ALA A 195 17.52 9.25 -11.46
CA ALA A 195 16.56 9.83 -12.39
C ALA A 195 15.12 9.45 -12.06
N ASP A 196 14.95 8.23 -11.57
CA ASP A 196 13.62 7.69 -11.31
C ASP A 196 13.71 6.62 -10.23
N THR A 197 12.58 6.01 -9.90
CA THR A 197 12.53 5.03 -8.82
C THR A 197 13.36 3.79 -9.15
N TYR A 198 13.31 3.34 -10.40
CA TYR A 198 14.08 2.16 -10.80
C TYR A 198 15.56 2.37 -10.51
N GLU A 199 16.09 3.51 -10.90
CA GLU A 199 17.51 3.78 -10.73
C GLU A 199 17.86 3.82 -9.24
N PHE A 200 17.00 4.45 -8.44
CA PHE A 200 17.21 4.51 -7.00
C PHE A 200 17.37 3.11 -6.41
N LEU A 201 16.51 2.20 -6.86
CA LEU A 201 16.52 0.84 -6.30
C LEU A 201 17.84 0.15 -6.57
N THR A 202 18.43 0.39 -7.73
CA THR A 202 19.69 -0.25 -8.11
C THR A 202 20.87 0.25 -7.29
N THR A 203 20.70 1.39 -6.62
CA THR A 203 21.79 1.96 -5.82
C THR A 203 21.86 1.32 -4.44
N LEU A 204 20.86 0.51 -4.11
CA LEU A 204 20.75 -0.02 -2.75
C LEU A 204 21.71 -1.19 -2.50
N ARG A 205 22.30 -1.19 -1.32
CA ARG A 205 23.27 -2.21 -0.93
C ARG A 205 22.96 -2.76 0.46
N GLY A 206 23.51 -3.93 0.75
CA GLY A 206 23.36 -4.53 2.07
C GLY A 206 24.47 -5.53 2.31
N ASP A 207 24.53 -6.08 3.52
CA ASP A 207 25.61 -7.00 3.87
C ASP A 207 25.40 -8.41 3.31
N GLY A 208 24.25 -8.63 2.70
CA GLY A 208 24.01 -9.90 2.03
C GLY A 208 23.16 -10.86 2.85
N SER A 209 22.99 -10.55 4.13
CA SER A 209 22.22 -11.42 5.01
C SER A 209 20.72 -11.27 4.76
N THR A 210 20.01 -12.36 5.02
CA THR A 210 18.55 -12.37 4.86
C THR A 210 17.93 -13.13 6.04
N GLY A 211 16.61 -13.11 6.11
CA GLY A 211 15.92 -13.92 7.09
C GLY A 211 15.35 -13.13 8.25
N GLU A 212 15.88 -11.93 8.49
CA GLU A 212 15.34 -11.07 9.53
C GLU A 212 14.49 -9.99 8.91
N PHE A 213 13.33 -9.72 9.50
CA PHE A 213 12.44 -8.69 9.00
C PHE A 213 13.13 -7.33 9.07
N GLN A 214 13.13 -6.61 7.97
CA GLN A 214 13.47 -5.19 7.98
C GLN A 214 12.48 -4.45 7.11
N TYR A 215 11.66 -3.62 7.74
CA TYR A 215 10.64 -2.86 7.04
C TYR A 215 11.35 -1.85 6.15
N CYS A 216 11.13 -1.94 4.84
CA CYS A 216 11.78 -1.06 3.88
C CYS A 216 10.92 -0.88 2.64
N SER A 217 10.51 0.36 2.39
CA SER A 217 9.60 0.67 1.29
C SER A 217 10.17 0.31 -0.09
N ALA A 218 11.49 0.25 -0.21
CA ALA A 218 12.11 -0.12 -1.46
C ALA A 218 11.66 -1.51 -1.92
N ASN A 219 11.43 -2.39 -0.96
CA ASN A 219 11.02 -3.75 -1.27
C ASN A 219 9.75 -3.76 -2.13
N THR A 220 8.79 -2.93 -1.77
CA THR A 220 7.50 -2.93 -2.45
C THR A 220 7.65 -2.42 -3.89
N ASP A 221 8.52 -1.43 -4.08
CA ASP A 221 8.72 -0.92 -5.42
C ASP A 221 9.46 -1.93 -6.31
N VAL A 222 10.33 -2.74 -5.71
CA VAL A 222 10.88 -3.88 -6.42
C VAL A 222 9.80 -4.87 -6.85
N LEU A 223 8.82 -5.13 -5.96
CA LEU A 223 7.71 -6.00 -6.34
C LEU A 223 6.97 -5.42 -7.53
N ALA A 224 6.73 -4.11 -7.53
CA ALA A 224 6.01 -3.49 -8.63
C ALA A 224 6.81 -3.58 -9.93
N TRP A 225 8.13 -3.44 -9.83
CA TRP A 225 9.02 -3.59 -10.98
C TRP A 225 8.93 -5.01 -11.54
N ILE A 226 8.93 -6.01 -10.66
CA ILE A 226 8.75 -7.39 -11.10
C ILE A 226 7.42 -7.56 -11.82
N VAL A 227 6.36 -7.00 -11.26
CA VAL A 227 5.04 -7.05 -11.88
C VAL A 227 5.08 -6.50 -13.31
N GLU A 228 5.77 -5.39 -13.49
CA GLU A 228 5.88 -4.78 -14.82
C GLU A 228 6.64 -5.65 -15.80
N ARG A 229 7.74 -6.26 -15.35
CA ARG A 229 8.53 -7.08 -16.25
C ARG A 229 7.81 -8.37 -16.62
N VAL A 230 7.02 -8.90 -15.70
CA VAL A 230 6.26 -10.11 -15.97
C VAL A 230 5.05 -9.87 -16.88
N THR A 231 4.38 -8.74 -16.71
CA THR A 231 3.12 -8.51 -17.42
C THR A 231 3.28 -7.61 -18.64
N GLY A 232 4.31 -6.77 -18.63
CA GLY A 232 4.45 -5.76 -19.67
C GLY A 232 3.53 -4.58 -19.47
N LEU A 233 2.82 -4.53 -18.35
CA LEU A 233 1.90 -3.44 -18.05
C LEU A 233 2.56 -2.44 -17.10
N ARG A 234 2.26 -1.15 -17.29
CA ARG A 234 2.60 -0.16 -16.27
C ARG A 234 1.99 -0.65 -14.95
N TYR A 235 2.69 -0.44 -13.85
CA TYR A 235 2.14 -0.85 -12.56
C TYR A 235 0.76 -0.22 -12.33
N VAL A 236 0.58 1.03 -12.77
CA VAL A 236 -0.73 1.68 -12.70
C VAL A 236 -1.82 0.81 -13.32
N GLU A 237 -1.56 0.25 -14.50
CA GLU A 237 -2.55 -0.57 -15.17
C GLU A 237 -2.67 -1.94 -14.52
N ALA A 238 -1.54 -2.51 -14.10
CA ALA A 238 -1.57 -3.81 -13.44
C ALA A 238 -2.40 -3.76 -12.17
N LEU A 239 -2.28 -2.67 -11.42
CA LEU A 239 -3.02 -2.53 -10.18
C LEU A 239 -4.52 -2.51 -10.45
N SER A 240 -4.91 -1.92 -11.59
CA SER A 240 -6.30 -1.95 -12.01
C SER A 240 -6.71 -3.34 -12.48
N THR A 241 -5.94 -3.89 -13.41
CA THR A 241 -6.32 -5.15 -14.07
C THR A 241 -6.40 -6.32 -13.10
N TYR A 242 -5.44 -6.41 -12.19
CA TYR A 242 -5.39 -7.56 -11.29
C TYR A 242 -6.11 -7.36 -9.97
N LEU A 243 -6.47 -6.12 -9.65
CA LEU A 243 -7.16 -5.86 -8.40
C LEU A 243 -8.33 -4.87 -8.52
N TRP A 244 -8.04 -3.60 -8.82
CA TRP A 244 -9.04 -2.56 -8.63
C TRP A 244 -10.29 -2.77 -9.47
N ALA A 245 -10.10 -3.19 -10.71
CA ALA A 245 -11.21 -3.33 -11.65
C ALA A 245 -12.10 -4.53 -11.34
N LYS A 246 -11.68 -5.35 -10.38
CA LYS A 246 -12.47 -6.52 -10.00
C LYS A 246 -13.29 -6.29 -8.73
N LEU A 247 -13.10 -5.12 -8.12
CA LEU A 247 -13.71 -4.84 -6.82
C LEU A 247 -15.15 -4.32 -6.87
N ASP A 248 -15.60 -3.95 -8.07
CA ASP A 248 -16.84 -3.19 -8.22
C ASP A 248 -16.79 -1.96 -7.31
N ALA A 249 -15.69 -1.22 -7.43
CA ALA A 249 -15.46 -0.02 -6.63
C ALA A 249 -16.35 1.12 -7.09
N ASP A 250 -16.65 2.04 -6.17
CA ASP A 250 -17.43 3.22 -6.50
C ASP A 250 -16.64 4.19 -7.37
N ARG A 251 -15.36 4.37 -7.04
CA ARG A 251 -14.50 5.31 -7.75
C ARG A 251 -13.21 4.65 -8.17
N ASP A 252 -12.57 5.21 -9.20
CA ASP A 252 -11.18 4.89 -9.47
C ASP A 252 -10.37 5.15 -8.21
N ALA A 253 -9.26 4.43 -8.05
CA ALA A 253 -8.23 4.86 -7.13
C ALA A 253 -7.29 5.79 -7.90
N THR A 254 -6.34 6.40 -7.20
CA THR A 254 -5.26 7.10 -7.88
C THR A 254 -3.94 6.65 -7.29
N ILE A 255 -2.87 6.87 -8.04
CA ILE A 255 -1.55 6.59 -7.52
C ILE A 255 -0.56 7.62 -8.06
N THR A 256 0.31 8.14 -7.22
CA THR A 256 1.30 9.09 -7.70
C THR A 256 2.25 8.35 -8.62
N VAL A 257 2.80 9.05 -9.60
CA VAL A 257 3.74 8.47 -10.54
C VAL A 257 5.00 9.29 -10.61
N ASP A 258 6.14 8.65 -10.85
CA ASP A 258 7.38 9.38 -11.03
C ASP A 258 7.51 9.84 -12.47
N THR A 259 8.67 10.36 -12.83
CA THR A 259 8.82 11.01 -14.12
C THR A 259 8.73 10.05 -15.31
N THR A 260 8.88 8.76 -15.05
CA THR A 260 8.70 7.75 -16.10
C THR A 260 7.28 7.20 -16.12
N GLY A 261 6.45 7.64 -15.19
CA GLY A 261 5.09 7.13 -15.11
C GLY A 261 4.95 5.91 -14.21
N PHE A 262 6.01 5.58 -13.48
CA PHE A 262 6.01 4.43 -12.58
C PHE A 262 5.26 4.78 -11.28
N GLY A 263 4.22 4.02 -10.98
CA GLY A 263 3.46 4.27 -9.76
C GLY A 263 4.26 4.02 -8.51
N PHE A 264 4.06 4.88 -7.50
CA PHE A 264 4.74 4.77 -6.22
C PHE A 264 4.07 3.66 -5.42
N ALA A 265 4.40 2.42 -5.78
CA ALA A 265 3.66 1.26 -5.29
C ALA A 265 3.69 1.15 -3.78
N ASN A 266 4.79 1.58 -3.17
CA ASN A 266 4.96 1.41 -1.73
C ASN A 266 4.07 2.32 -0.89
N GLY A 267 3.61 3.44 -1.45
CA GLY A 267 2.91 4.41 -0.61
C GLY A 267 1.95 5.40 -1.25
N GLY A 268 1.81 5.38 -2.56
CA GLY A 268 1.17 6.49 -3.24
C GLY A 268 -0.27 6.33 -3.70
N VAL A 269 -0.94 5.27 -3.28
CA VAL A 269 -2.33 5.05 -3.67
C VAL A 269 -3.28 5.89 -2.81
N SER A 270 -4.30 6.47 -3.44
CA SER A 270 -5.42 7.08 -2.71
C SER A 270 -6.73 6.46 -3.17
N CYS A 271 -7.68 6.28 -2.25
CA CYS A 271 -9.00 5.77 -2.60
C CYS A 271 -9.99 6.12 -1.50
N THR A 272 -11.27 5.80 -1.70
CA THR A 272 -12.26 6.07 -0.67
C THR A 272 -12.17 4.99 0.41
N ALA A 273 -12.68 5.29 1.60
CA ALA A 273 -12.67 4.32 2.68
C ALA A 273 -13.54 3.12 2.32
N ARG A 274 -14.71 3.38 1.75
CA ARG A 274 -15.61 2.30 1.36
C ARG A 274 -14.99 1.38 0.32
N ASP A 275 -14.26 1.95 -0.64
CA ASP A 275 -13.63 1.13 -1.66
C ASP A 275 -12.46 0.32 -1.09
N LEU A 276 -11.70 0.92 -0.18
CA LEU A 276 -10.61 0.19 0.44
C LEU A 276 -11.16 -1.02 1.19
N ALA A 277 -12.34 -0.88 1.78
CA ALA A 277 -12.94 -1.99 2.51
C ALA A 277 -13.24 -3.16 1.59
N ARG A 278 -13.46 -2.88 0.30
CA ARG A 278 -13.72 -3.94 -0.66
C ARG A 278 -12.51 -4.85 -0.84
N VAL A 279 -11.31 -4.30 -0.62
CA VAL A 279 -10.10 -5.12 -0.66
C VAL A 279 -10.10 -6.08 0.52
N GLY A 280 -10.48 -5.57 1.69
CA GLY A 280 -10.58 -6.43 2.86
C GLY A 280 -11.65 -7.49 2.70
N ARG A 281 -12.77 -7.10 2.09
CA ARG A 281 -13.87 -8.03 1.84
C ARG A 281 -13.39 -9.18 0.96
N MET A 282 -12.58 -8.87 -0.05
CA MET A 282 -12.02 -9.88 -0.94
C MET A 282 -11.13 -10.85 -0.16
N MET A 283 -10.33 -10.32 0.77
CA MET A 283 -9.45 -11.18 1.56
C MET A 283 -10.25 -12.13 2.46
N LEU A 284 -11.35 -11.63 3.01
CA LEU A 284 -12.18 -12.45 3.88
C LEU A 284 -13.12 -13.35 3.11
N ASP A 285 -13.16 -13.18 1.79
CA ASP A 285 -13.92 -14.05 0.89
C ASP A 285 -13.01 -15.03 0.16
N GLY A 286 -11.88 -15.36 0.75
CA GLY A 286 -11.02 -16.38 0.17
C GLY A 286 -10.30 -15.96 -1.10
N GLY A 287 -10.25 -14.66 -1.35
CA GLY A 287 -9.53 -14.15 -2.50
C GLY A 287 -10.40 -13.80 -3.68
N VAL A 288 -11.71 -13.95 -3.52
CA VAL A 288 -12.64 -13.67 -4.61
C VAL A 288 -13.31 -12.31 -4.46
N ALA A 289 -13.39 -11.57 -5.56
CA ALA A 289 -14.07 -10.28 -5.59
C ALA A 289 -15.25 -10.38 -6.56
N PRO A 290 -16.12 -9.34 -6.58
CA PRO A 290 -17.28 -9.38 -7.49
C PRO A 290 -16.93 -9.62 -8.95
N GLY A 291 -15.77 -9.12 -9.39
CA GLY A 291 -15.39 -9.23 -10.78
C GLY A 291 -14.55 -10.46 -11.10
N GLY A 292 -14.39 -11.34 -10.13
CA GLY A 292 -13.62 -12.55 -10.34
C GLY A 292 -12.64 -12.80 -9.22
N ARG A 293 -11.96 -13.95 -9.27
CA ARG A 293 -10.95 -14.28 -8.28
C ARG A 293 -9.76 -13.34 -8.47
N VAL A 294 -9.25 -12.84 -7.35
CA VAL A 294 -8.09 -11.95 -7.36
C VAL A 294 -6.83 -12.72 -6.98
N VAL A 295 -6.86 -13.38 -5.83
CA VAL A 295 -5.76 -14.25 -5.41
C VAL A 295 -6.32 -15.62 -5.01
N SER A 296 -5.44 -16.59 -4.87
CA SER A 296 -5.84 -17.95 -4.54
C SER A 296 -6.30 -18.07 -3.08
N GLU A 297 -7.08 -19.11 -2.80
CA GLU A 297 -7.46 -19.42 -1.43
C GLU A 297 -6.20 -19.64 -0.59
N ASP A 298 -5.19 -20.27 -1.19
CA ASP A 298 -3.96 -20.56 -0.48
C ASP A 298 -3.22 -19.29 -0.08
N TRP A 299 -3.19 -18.32 -0.99
CA TRP A 299 -2.53 -17.05 -0.71
C TRP A 299 -3.17 -16.38 0.49
N VAL A 300 -4.49 -16.33 0.51
CA VAL A 300 -5.20 -15.73 1.63
C VAL A 300 -4.89 -16.47 2.92
N ARG A 301 -4.91 -17.80 2.88
CA ARG A 301 -4.57 -18.59 4.07
C ARG A 301 -3.17 -18.27 4.57
N ARG A 302 -2.22 -18.11 3.65
CA ARG A 302 -0.85 -17.82 4.06
C ARG A 302 -0.74 -16.45 4.70
N VAL A 303 -1.49 -15.48 4.18
CA VAL A 303 -1.53 -14.17 4.81
C VAL A 303 -2.11 -14.23 6.22
N LEU A 304 -3.24 -14.92 6.38
CA LEU A 304 -3.88 -15.02 7.68
C LEU A 304 -3.04 -15.81 8.67
N ALA A 305 -2.23 -16.73 8.14
CA ALA A 305 -1.39 -17.58 8.99
C ALA A 305 -0.21 -16.84 9.57
N GLY A 306 0.27 -15.82 8.85
CA GLY A 306 1.39 -15.04 9.36
C GLY A 306 2.73 -15.45 8.77
N GLY A 307 3.77 -14.67 9.06
CA GLY A 307 5.11 -15.02 8.64
C GLY A 307 5.89 -15.65 9.78
N SER A 308 7.19 -15.81 9.59
CA SER A 308 8.05 -16.38 10.63
C SER A 308 8.12 -15.42 11.82
N HIS A 309 7.84 -15.93 13.02
CA HIS A 309 7.90 -15.08 14.20
C HIS A 309 9.35 -14.73 14.53
N GLU A 310 10.26 -15.69 14.32
CA GLU A 310 11.69 -15.47 14.55
C GLU A 310 12.22 -14.28 13.76
N ALA A 311 11.68 -14.09 12.56
CA ALA A 311 12.14 -13.01 11.69
C ALA A 311 11.72 -11.64 12.22
N MET A 312 10.62 -11.60 12.96
CA MET A 312 10.05 -10.34 13.42
C MET A 312 10.70 -9.86 14.70
N THR A 313 11.61 -8.88 14.57
CA THR A 313 12.32 -8.34 15.70
C THR A 313 12.06 -6.84 15.89
N ASP A 314 11.00 -6.35 15.26
CA ASP A 314 10.61 -4.95 15.41
C ASP A 314 9.80 -4.78 16.70
N LYS A 315 10.43 -4.20 17.71
CA LYS A 315 9.79 -4.07 19.03
C LYS A 315 8.63 -3.09 18.99
N GLY A 316 8.65 -2.18 18.02
CA GLY A 316 7.52 -1.28 17.84
C GLY A 316 6.26 -2.04 17.53
N PHE A 317 6.41 -3.27 17.02
CA PHE A 317 5.26 -4.12 16.73
C PHE A 317 5.08 -5.16 17.82
N THR A 318 6.16 -5.83 18.21
CA THR A 318 6.05 -6.98 19.11
C THR A 318 5.79 -6.61 20.57
N ASN A 319 6.07 -5.37 20.94
CA ASN A 319 5.73 -4.91 22.29
C ASN A 319 4.22 -4.97 22.50
N THR A 320 3.47 -4.69 21.44
CA THR A 320 2.01 -4.76 21.48
C THR A 320 1.53 -6.16 21.08
N PHE A 321 2.20 -6.73 20.08
CA PHE A 321 1.82 -8.02 19.53
C PHE A 321 3.03 -8.95 19.62
N PRO A 322 3.23 -9.58 20.80
CA PRO A 322 4.36 -10.49 21.02
C PRO A 322 4.55 -11.61 20.01
N ASP A 323 3.45 -12.14 19.48
CA ASP A 323 3.51 -13.25 18.54
C ASP A 323 3.26 -12.78 17.11
N GLY A 324 3.50 -11.50 16.88
CA GLY A 324 3.27 -10.92 15.57
C GLY A 324 4.32 -11.28 14.55
N SER A 325 4.01 -11.00 13.29
CA SER A 325 4.91 -11.32 12.19
C SER A 325 4.50 -10.50 10.98
N TYR A 326 5.13 -10.76 9.86
CA TYR A 326 4.85 -10.03 8.61
C TYR A 326 5.00 -10.99 7.44
N THR A 327 4.04 -11.01 6.55
CA THR A 327 4.19 -11.78 5.32
C THR A 327 3.42 -11.17 4.16
N ARG A 328 4.02 -11.21 2.98
CA ARG A 328 3.33 -10.87 1.73
C ARG A 328 2.69 -9.48 1.82
N GLN A 329 3.41 -8.57 2.47
CA GLN A 329 3.04 -7.15 2.56
C GLN A 329 1.89 -6.86 3.52
N TRP A 330 1.63 -7.79 4.43
CA TRP A 330 0.64 -7.61 5.49
C TRP A 330 1.29 -7.78 6.86
N TRP A 331 0.87 -6.96 7.82
CA TRP A 331 1.24 -7.15 9.22
C TRP A 331 0.28 -8.13 9.88
N CYS A 332 0.84 -9.12 10.57
CA CYS A 332 0.04 -10.13 11.21
C CYS A 332 0.23 -10.03 12.73
N THR A 333 -0.83 -9.70 13.45
CA THR A 333 -0.71 -9.42 14.88
C THR A 333 -0.38 -10.67 15.69
N GLY A 334 -0.84 -11.82 15.20
CA GLY A 334 -0.70 -13.03 15.99
C GLY A 334 -1.49 -12.99 17.28
N ASN A 335 -2.43 -12.06 17.40
CA ASN A 335 -3.22 -12.00 18.62
C ASN A 335 -4.29 -13.09 18.64
N GLU A 336 -5.03 -13.17 19.73
CA GLU A 336 -6.00 -14.25 19.89
C GLU A 336 -7.09 -14.20 18.80
N ARG A 337 -7.27 -13.01 18.21
CA ARG A 337 -8.29 -12.83 17.18
C ARG A 337 -7.75 -13.13 15.78
N GLY A 338 -6.44 -13.31 15.68
CA GLY A 338 -5.82 -13.48 14.38
C GLY A 338 -5.91 -12.26 13.50
N ASN A 339 -5.96 -11.07 14.11
CA ASN A 339 -6.05 -9.85 13.31
C ASN A 339 -4.85 -9.70 12.40
N VAL A 340 -5.11 -9.20 11.20
CA VAL A 340 -4.08 -8.89 10.21
C VAL A 340 -4.43 -7.51 9.68
N SER A 341 -3.42 -6.72 9.33
CA SER A 341 -3.70 -5.36 8.89
C SER A 341 -2.69 -4.85 7.88
N GLY A 342 -3.19 -4.08 6.91
CA GLY A 342 -2.32 -3.16 6.19
C GLY A 342 -2.14 -1.95 7.08
N ILE A 343 -0.95 -1.38 7.08
CA ILE A 343 -0.66 -0.23 7.94
C ILE A 343 0.14 0.80 7.15
N GLY A 344 -0.17 2.08 7.35
CA GLY A 344 0.63 3.14 6.76
C GLY A 344 0.85 4.29 7.73
N ILE A 345 1.94 5.02 7.55
CA ILE A 345 2.26 6.13 8.46
C ILE A 345 1.15 7.17 8.57
N HIS A 346 1.12 7.85 9.72
CA HIS A 346 0.13 8.87 10.03
C HIS A 346 -1.26 8.29 10.28
N GLY A 347 -1.32 6.96 10.47
CA GLY A 347 -2.54 6.36 10.98
C GLY A 347 -3.47 5.71 9.97
N GLN A 348 -2.92 5.03 8.97
CA GLN A 348 -3.74 4.31 8.01
C GLN A 348 -3.78 2.83 8.36
N ASN A 349 -4.99 2.26 8.41
CA ASN A 349 -5.16 0.82 8.57
C ASN A 349 -6.21 0.25 7.63
N LEU A 350 -5.89 -0.87 7.02
CA LEU A 350 -6.89 -1.79 6.49
C LEU A 350 -6.86 -3.03 7.36
N TRP A 351 -7.78 -3.08 8.32
CA TRP A 351 -7.70 -4.02 9.43
C TRP A 351 -8.70 -5.15 9.23
N LEU A 352 -8.23 -6.39 9.28
CA LEU A 352 -9.09 -7.54 9.06
C LEU A 352 -9.42 -8.22 10.38
N ASP A 353 -10.71 -8.46 10.62
CA ASP A 353 -11.17 -9.17 11.81
C ASP A 353 -11.97 -10.41 11.34
N PRO A 354 -11.26 -11.46 10.92
CA PRO A 354 -11.94 -12.67 10.45
C PRO A 354 -12.96 -13.29 11.41
N LEU A 355 -12.74 -13.18 12.71
CA LEU A 355 -13.67 -13.74 13.69
C LEU A 355 -15.10 -13.28 13.44
N THR A 356 -15.25 -11.99 13.14
CA THR A 356 -16.58 -11.40 12.96
C THR A 356 -16.86 -11.13 11.49
N ASP A 357 -16.00 -11.65 10.61
CA ASP A 357 -16.14 -11.45 9.17
C ASP A 357 -16.17 -9.96 8.82
N SER A 358 -15.38 -9.18 9.54
CA SER A 358 -15.44 -7.73 9.40
C SER A 358 -14.13 -7.10 8.96
N VAL A 359 -14.26 -5.94 8.31
CA VAL A 359 -13.13 -5.13 7.88
C VAL A 359 -13.28 -3.76 8.52
N ILE A 360 -12.19 -3.23 9.08
CA ILE A 360 -12.19 -1.87 9.57
C ILE A 360 -11.19 -1.04 8.77
N VAL A 361 -11.69 0.05 8.20
CA VAL A 361 -10.83 1.01 7.54
C VAL A 361 -10.71 2.24 8.41
N LYS A 362 -9.47 2.64 8.70
CA LYS A 362 -9.24 3.91 9.37
C LYS A 362 -8.18 4.67 8.60
N LEU A 363 -8.54 5.85 8.11
CA LEU A 363 -7.62 6.69 7.36
C LEU A 363 -7.51 8.01 8.12
N SER A 364 -6.27 8.40 8.41
CA SER A 364 -6.00 9.45 9.38
C SER A 364 -4.89 10.38 8.89
N SER A 365 -4.61 11.41 9.69
CA SER A 365 -3.49 12.29 9.44
C SER A 365 -2.87 12.75 10.76
N TRP A 366 -2.28 11.80 11.48
CA TRP A 366 -1.52 12.14 12.68
C TRP A 366 -0.47 13.17 12.32
N PRO A 367 -0.11 14.04 13.27
CA PRO A 367 0.92 15.03 12.94
C PRO A 367 2.26 14.34 12.68
N ASP A 368 2.46 13.19 13.32
CA ASP A 368 3.71 12.44 13.19
C ASP A 368 3.53 11.16 12.38
N PRO A 369 4.53 10.78 11.57
CA PRO A 369 4.39 9.55 10.79
C PRO A 369 4.26 8.35 11.73
N TYR A 370 5.03 8.38 12.82
CA TYR A 370 5.00 7.31 13.82
C TYR A 370 5.38 7.80 15.21
N THR A 371 4.58 7.44 16.21
CA THR A 371 5.06 7.38 17.59
C THR A 371 4.41 6.19 18.29
N GLU A 372 5.04 5.70 19.36
CA GLU A 372 4.46 4.62 20.15
C GLU A 372 3.09 5.05 20.66
N HIS A 373 2.98 6.31 21.05
CA HIS A 373 1.74 6.89 21.54
C HIS A 373 0.60 6.70 20.54
N TRP A 374 0.79 7.15 19.30
CA TRP A 374 -0.27 7.09 18.31
C TRP A 374 -0.71 5.66 18.05
N HIS A 375 0.26 4.74 17.94
CA HIS A 375 -0.06 3.35 17.65
C HIS A 375 -0.77 2.68 18.81
N ARG A 376 -0.40 3.03 20.04
CA ARG A 376 -1.12 2.50 21.20
C ARG A 376 -2.59 2.91 21.14
N LEU A 377 -2.83 4.18 20.87
CA LEU A 377 -4.20 4.68 20.79
C LEU A 377 -4.96 4.06 19.62
N GLN A 378 -4.32 4.02 18.45
CA GLN A 378 -4.98 3.53 17.26
C GLN A 378 -5.33 2.05 17.38
N ASN A 379 -4.38 1.26 17.86
CA ASN A 379 -4.62 -0.17 18.04
C ASN A 379 -5.68 -0.42 19.12
N GLY A 380 -5.73 0.45 20.12
CA GLY A 380 -6.78 0.33 21.12
C GLY A 380 -8.16 0.50 20.52
N ILE A 381 -8.28 1.43 19.58
CA ILE A 381 -9.55 1.66 18.91
C ILE A 381 -9.95 0.47 18.02
N LEU A 382 -9.00 -0.03 17.24
CA LEU A 382 -9.29 -1.10 16.30
C LEU A 382 -9.67 -2.38 17.04
N LEU A 383 -8.99 -2.64 18.15
CA LEU A 383 -9.28 -3.82 18.95
C LEU A 383 -10.62 -3.67 19.67
N ASP A 384 -10.89 -2.48 20.22
CA ASP A 384 -12.17 -2.24 20.88
C ASP A 384 -13.34 -2.40 19.90
N VAL A 385 -13.19 -1.83 18.71
CA VAL A 385 -14.23 -1.95 17.71
C VAL A 385 -14.41 -3.41 17.28
N SER A 386 -13.30 -4.12 17.08
CA SER A 386 -13.37 -5.53 16.74
C SER A 386 -14.16 -6.32 17.79
N ARG A 387 -13.82 -6.11 19.05
CA ARG A 387 -14.49 -6.83 20.12
C ARG A 387 -15.97 -6.46 20.24
N ALA A 388 -16.30 -5.22 19.89
CA ALA A 388 -17.68 -4.77 19.93
C ALA A 388 -18.54 -5.52 18.91
N LEU A 389 -17.89 -6.12 17.92
CA LEU A 389 -18.61 -6.85 16.87
C LEU A 389 -18.87 -8.31 17.24
N ASP A 390 -18.26 -8.78 18.32
CA ASP A 390 -18.47 -10.15 18.77
C ASP A 390 -19.91 -10.39 19.18
N ALA A 391 -20.41 -11.60 18.91
CA ALA A 391 -21.72 -11.99 19.39
C ALA A 391 -21.72 -11.93 20.92
N VAL A 392 -22.83 -11.50 21.51
CA VAL A 392 -22.92 -11.44 22.95
C VAL A 392 -24.25 -12.01 23.44
S SO4 B . -14.00 8.86 -10.40
O1 SO4 B . -12.94 9.83 -10.08
O2 SO4 B . -14.55 9.15 -11.74
O3 SO4 B . -15.07 8.92 -9.39
O4 SO4 B . -13.43 7.49 -10.42
S SO4 C . -12.25 -20.94 -8.34
O1 SO4 C . -11.99 -19.55 -8.74
O2 SO4 C . -13.46 -21.44 -9.03
O3 SO4 C . -12.45 -21.02 -6.88
O4 SO4 C . -11.10 -21.78 -8.72
O1 MES D . 4.20 -1.43 14.74
C2 MES D . 5.50 -0.76 14.64
C3 MES D . 5.43 0.43 13.65
N4 MES D . 4.82 -0.03 12.30
C5 MES D . 3.49 -0.82 12.47
C6 MES D . 3.65 -1.96 13.50
C7 MES D . 4.61 1.18 11.37
C8 MES D . 4.44 0.80 9.89
S MES D . 4.23 2.26 8.90
O1S MES D . 3.86 1.90 7.41
O2S MES D . 5.57 3.11 8.92
O3S MES D . 3.01 3.23 9.51
O1 MES E . -5.66 21.25 9.72
C2 MES E . -7.12 21.25 9.94
C3 MES E . -7.84 20.51 8.79
N4 MES E . -7.39 21.07 7.40
C5 MES E . -5.83 21.15 7.26
C6 MES E . -5.19 21.85 8.48
C7 MES E . -8.00 20.24 6.26
C8 MES E . -8.59 21.09 5.11
S MES E . -9.82 20.21 4.17
O1S MES E . -10.31 21.06 2.93
O2S MES E . -11.07 19.86 5.10
O3S MES E . -9.22 18.75 3.59
C1 GOL F . 5.37 4.99 2.20
O1 GOL F . 4.07 5.12 2.74
C2 GOL F . 6.00 6.37 1.97
O2 GOL F . 6.17 7.03 3.23
C3 GOL F . 7.35 6.23 1.27
O3 GOL F . 8.10 7.43 1.39
#